data_9B9Z
#
_entry.id   9B9Z
#
_cell.length_a   1.00
_cell.length_b   1.00
_cell.length_c   1.00
_cell.angle_alpha   90.00
_cell.angle_beta   90.00
_cell.angle_gamma   90.00
#
_symmetry.space_group_name_H-M   'P 1'
#
loop_
_entity.id
_entity.type
_entity.pdbx_description
1 polymer CNb36
2 polymer 'Cannabinoid receptor 1,Glycogen synthase'
3 non-polymer "(4S)-3-(4-chlorophenyl)-N'-[(1E)-ethanimidoyl]-4-phenyl-N-[4-(trifluoromethyl)benzene-1-sulfonyl]-4,5-dihydro-1H-pyrazole-1-carboximidamide"
#
loop_
_entity_poly.entity_id
_entity_poly.type
_entity_poly.pdbx_seq_one_letter_code
_entity_poly.pdbx_strand_id
1 'polypeptide(L)'
;QVQLQESGGGLVQAGGSLRLSCAASGTIFGPDVMGWYRQAPGKERELVAGISNGANTYYADSVKGRFTISRDNAKNTVYL
QMNSLKPEDTAVYYCAAEVLDYTFAYLYHAYWGQGTQVTVSSHHHHHH
;
N
2 'polypeptide(L)'
;DYKDDDDAMDQVNITEFYNKSLSSFENLYFQGGIQCGENFMDIECFMVLNPSQQLAIAVLSLTLGTFTVLENLLVLCVIL
HSRSLRCRPSYHFIGSLAVADLLGSVIFVYSFIDFHVFHRKDSRNVFLFKLGGVTASFTAKVGSLFLAAIDRYISIHRPL
AYKRIVTRPKAVVAFCLMWTIAIVIAVLPLLGWNCEKLQSVCSDIFPHIDKTYLMFWIGVVSVLLLFIVYAYMYILWKAG
IDCSFWNESYLTGSRDERKKSLLSKFGMDEGVTFMFIGRFDRGQKGVDVLLKAIEILSSKKEFQEMRFIIIGKGDPELEG
WARSLEEKHGNVKVITEMLSREFVRELYGSVDFVIIPSYFEPFGLVALEAMCLGAIPIASAVGGLRDIITNETGILVKAG
DPGELANAILKALELSRSDLSKFRENCKKRAMSFSDQARMDIELAKTLVLILVVLIICWGPLLAIMVYDVFGKMNKLIKT
VFAFCSMLCLLNSTVNPIIYALRSKDLRHAFRSMFPSCENLYFQGHHHHHHHHHH
;
R
#
loop_
_chem_comp.id
_chem_comp.type
_chem_comp.name
_chem_comp.formula
A1AKO non-polymer (4S)-3-(4-chlorophenyl)-N'-[(1E)-ethanimidoyl]-4-phenyl-N-[4-(trifluoromethyl)benzene-1-sulfonyl]-4,5-dihydro-1H-pyrazole-1-carboximidamide 'C25 H21 Cl F3 N5 O2 S'
#
# COMPACT_ATOMS: atom_id res chain seq x y z
N VAL A 2 18.10 7.60 7.39
CA VAL A 2 18.45 6.19 7.30
C VAL A 2 19.96 6.03 7.42
N GLN A 3 20.41 4.80 7.67
CA GLN A 3 21.83 4.51 7.78
C GLN A 3 22.14 3.22 7.04
N LEU A 4 23.28 3.21 6.35
CA LEU A 4 23.70 2.07 5.54
C LEU A 4 25.10 1.64 5.96
N GLN A 5 25.30 0.34 6.07
CA GLN A 5 26.58 -0.24 6.47
C GLN A 5 27.00 -1.29 5.46
N GLU A 6 28.25 -1.21 5.00
CA GLU A 6 28.78 -2.11 3.99
C GLU A 6 29.85 -3.02 4.58
N SER A 7 30.00 -4.18 3.96
CA SER A 7 31.02 -5.14 4.37
C SER A 7 31.41 -5.99 3.16
N GLY A 8 32.67 -6.42 3.14
CA GLY A 8 33.18 -7.29 2.09
C GLY A 8 34.35 -6.74 1.30
N GLY A 9 34.93 -5.59 1.65
CA GLY A 9 36.03 -5.05 0.91
C GLY A 9 37.36 -5.74 1.21
N GLY A 10 38.35 -5.47 0.36
CA GLY A 10 39.68 -5.99 0.56
C GLY A 10 40.34 -6.31 -0.77
N LEU A 11 41.28 -7.25 -0.70
CA LEU A 11 42.05 -7.68 -1.86
C LEU A 11 41.60 -9.08 -2.26
N VAL A 12 41.46 -9.30 -3.57
CA VAL A 12 41.00 -10.56 -4.12
C VAL A 12 41.96 -10.98 -5.23
N GLN A 13 42.37 -12.25 -5.22
CA GLN A 13 43.16 -12.80 -6.30
C GLN A 13 42.33 -12.89 -7.58
N ALA A 14 42.97 -12.64 -8.72
CA ALA A 14 42.27 -12.56 -9.99
C ALA A 14 41.66 -13.91 -10.38
N GLY A 15 40.44 -13.86 -10.90
CA GLY A 15 39.66 -15.04 -11.20
C GLY A 15 38.80 -15.55 -10.07
N GLY A 16 38.89 -14.94 -8.89
CA GLY A 16 38.13 -15.38 -7.74
C GLY A 16 36.72 -14.81 -7.73
N SER A 17 36.07 -14.98 -6.58
CA SER A 17 34.71 -14.51 -6.38
C SER A 17 34.62 -13.79 -5.04
N LEU A 18 33.65 -12.88 -4.93
CA LEU A 18 33.49 -12.12 -3.70
C LEU A 18 32.01 -11.82 -3.47
N ARG A 19 31.67 -11.69 -2.18
CA ARG A 19 30.36 -11.27 -1.70
C ARG A 19 30.50 -9.91 -1.02
N LEU A 20 29.67 -8.95 -1.44
CA LEU A 20 29.53 -7.69 -0.73
C LEU A 20 28.14 -7.60 -0.13
N SER A 21 28.06 -7.06 1.08
CA SER A 21 26.80 -6.95 1.81
C SER A 21 26.59 -5.50 2.20
N CYS A 22 25.34 -5.03 2.08
CA CYS A 22 24.99 -3.68 2.48
C CYS A 22 23.63 -3.72 3.18
N ALA A 23 23.60 -3.26 4.42
CA ALA A 23 22.40 -3.28 5.25
C ALA A 23 21.92 -1.87 5.52
N ALA A 24 20.60 -1.68 5.46
CA ALA A 24 19.97 -0.39 5.64
C ALA A 24 19.02 -0.40 6.82
N SER A 25 18.92 0.73 7.49
CA SER A 25 18.07 0.88 8.68
C SER A 25 17.03 1.97 8.42
N GLY A 26 15.90 1.58 7.83
CA GLY A 26 14.80 2.46 7.58
C GLY A 26 13.60 2.18 8.48
N THR A 27 12.58 3.02 8.33
CA THR A 27 11.38 2.91 9.16
C THR A 27 10.24 2.18 8.49
N ILE A 28 10.05 2.32 7.18
CA ILE A 28 9.00 1.60 6.47
C ILE A 28 9.58 1.04 5.17
N PHE A 29 10.00 -0.24 5.23
CA PHE A 29 10.63 -1.01 4.15
C PHE A 29 12.01 -0.48 3.78
N GLY A 30 12.40 0.65 4.37
CA GLY A 30 13.60 1.34 3.96
C GLY A 30 13.56 1.68 2.49
N PRO A 31 14.58 1.25 1.75
CA PRO A 31 14.70 1.64 0.34
C PRO A 31 13.80 0.85 -0.59
N ASP A 32 13.16 1.60 -1.50
CA ASP A 32 12.34 0.96 -2.54
C ASP A 32 13.20 0.31 -3.61
N VAL A 33 14.25 0.99 -4.05
CA VAL A 33 15.19 0.43 -5.02
C VAL A 33 16.60 0.61 -4.46
N MET A 34 17.47 -0.34 -4.77
CA MET A 34 18.82 -0.35 -4.22
C MET A 34 19.80 -0.62 -5.36
N GLY A 35 21.06 -0.26 -5.14
CA GLY A 35 22.04 -0.44 -6.17
C GLY A 35 23.45 -0.36 -5.63
N TRP A 36 24.37 -0.91 -6.40
CA TRP A 36 25.79 -0.82 -6.15
C TRP A 36 26.43 0.04 -7.24
N TYR A 37 27.28 0.97 -6.82
CA TYR A 37 28.06 1.83 -7.68
C TYR A 37 29.54 1.52 -7.48
N ARG A 38 30.34 1.75 -8.51
CA ARG A 38 31.78 1.63 -8.38
C ARG A 38 32.45 2.90 -8.90
N GLN A 39 33.59 3.23 -8.30
CA GLN A 39 34.38 4.39 -8.71
C GLN A 39 35.83 3.96 -8.81
N ALA A 40 36.34 3.91 -10.04
CA ALA A 40 37.76 3.68 -10.24
C ALA A 40 38.54 4.91 -9.76
N PRO A 41 39.80 4.72 -9.35
CA PRO A 41 40.61 5.88 -8.91
C PRO A 41 40.82 6.89 -10.04
N GLY A 42 40.41 8.11 -9.79
CA GLY A 42 40.44 9.15 -10.80
C GLY A 42 39.48 8.94 -11.95
N LYS A 43 38.30 8.38 -11.68
CA LYS A 43 37.29 8.16 -12.70
C LYS A 43 35.91 8.39 -12.10
N GLU A 44 34.95 8.67 -12.97
CA GLU A 44 33.59 8.95 -12.53
C GLU A 44 32.88 7.67 -12.07
N ARG A 45 31.83 7.84 -11.28
CA ARG A 45 31.06 6.71 -10.78
C ARG A 45 30.25 6.07 -11.90
N GLU A 46 30.12 4.74 -11.83
CA GLU A 46 29.41 3.97 -12.83
C GLU A 46 28.38 3.09 -12.14
N LEU A 47 27.22 2.94 -12.77
CA LEU A 47 26.20 2.04 -12.26
C LEU A 47 26.59 0.61 -12.60
N VAL A 48 26.89 -0.18 -11.57
CA VAL A 48 27.29 -1.56 -11.78
C VAL A 48 26.18 -2.54 -11.40
N ALA A 49 25.30 -2.21 -10.46
CA ALA A 49 24.20 -3.13 -10.17
C ALA A 49 22.99 -2.37 -9.63
N GLY A 50 21.81 -2.89 -9.95
CA GLY A 50 20.58 -2.32 -9.39
C GLY A 50 19.44 -3.31 -9.31
N ILE A 51 18.60 -3.20 -8.28
CA ILE A 51 17.48 -4.13 -8.10
C ILE A 51 16.41 -3.43 -7.25
N SER A 52 15.15 -3.76 -7.52
CA SER A 52 14.06 -3.43 -6.62
C SER A 52 13.50 -4.67 -5.95
N ASN A 53 12.98 -5.62 -6.73
CA ASN A 53 12.54 -6.92 -6.25
C ASN A 53 12.39 -7.88 -7.42
N GLY A 54 12.48 -9.18 -7.11
CA GLY A 54 12.22 -10.21 -8.11
C GLY A 54 13.19 -10.15 -9.26
N ALA A 55 12.64 -10.23 -10.48
CA ALA A 55 13.43 -10.14 -11.70
C ALA A 55 13.48 -8.70 -12.23
N ASN A 56 13.89 -7.79 -11.37
CA ASN A 56 14.10 -6.39 -11.71
C ASN A 56 15.56 -6.02 -11.55
N THR A 57 16.45 -6.89 -12.03
CA THR A 57 17.88 -6.70 -11.88
C THR A 57 18.45 -6.03 -13.12
N TYR A 58 19.35 -5.08 -12.90
CA TYR A 58 20.10 -4.45 -13.97
C TYR A 58 21.58 -4.55 -13.66
N TYR A 59 22.33 -5.09 -14.61
CA TYR A 59 23.78 -5.08 -14.60
C TYR A 59 24.27 -4.38 -15.85
N ALA A 60 25.39 -3.67 -15.72
CA ALA A 60 25.93 -2.95 -16.86
C ALA A 60 26.45 -3.92 -17.92
N ASP A 61 26.66 -3.39 -19.12
CA ASP A 61 27.10 -4.21 -20.24
C ASP A 61 28.50 -4.78 -20.03
N SER A 62 29.31 -4.15 -19.19
CA SER A 62 30.64 -4.64 -18.89
C SER A 62 30.68 -5.64 -17.75
N VAL A 63 29.57 -5.83 -17.03
CA VAL A 63 29.53 -6.73 -15.88
C VAL A 63 28.37 -7.70 -16.01
N LYS A 64 27.73 -7.73 -17.18
CA LYS A 64 26.61 -8.63 -17.39
C LYS A 64 27.11 -10.07 -17.54
N GLY A 65 26.50 -10.99 -16.80
CA GLY A 65 26.90 -12.38 -16.80
C GLY A 65 27.95 -12.73 -15.76
N ARG A 66 28.51 -11.74 -15.07
CA ARG A 66 29.50 -11.97 -14.02
C ARG A 66 29.15 -11.32 -12.70
N PHE A 67 28.10 -10.50 -12.65
CA PHE A 67 27.64 -9.85 -11.43
C PHE A 67 26.19 -10.24 -11.20
N THR A 68 25.86 -10.70 -9.99
CA THR A 68 24.48 -11.00 -9.64
C THR A 68 24.13 -10.28 -8.34
N ILE A 69 22.91 -9.76 -8.28
CA ILE A 69 22.45 -8.97 -7.15
C ILE A 69 21.24 -9.66 -6.53
N SER A 70 21.18 -9.64 -5.20
CA SER A 70 20.07 -10.23 -4.48
C SER A 70 19.67 -9.32 -3.34
N ARG A 71 18.41 -9.39 -2.95
CA ARG A 71 17.90 -8.58 -1.85
C ARG A 71 17.22 -9.48 -0.83
N ASP A 72 17.56 -9.31 0.43
CA ASP A 72 16.89 -10.00 1.53
C ASP A 72 16.00 -8.97 2.18
N ASN A 73 14.70 -9.27 2.22
CA ASN A 73 13.71 -8.34 2.77
C ASN A 73 13.46 -8.55 4.26
N ALA A 74 13.82 -9.71 4.81
CA ALA A 74 13.66 -9.94 6.24
C ALA A 74 14.61 -9.09 7.06
N LYS A 75 15.82 -8.86 6.53
CA LYS A 75 16.80 -8.00 7.18
C LYS A 75 17.03 -6.70 6.44
N ASN A 76 16.39 -6.50 5.29
CA ASN A 76 16.48 -5.29 4.47
C ASN A 76 17.92 -4.99 4.07
N THR A 77 18.50 -5.92 3.29
CA THR A 77 19.89 -5.82 2.88
C THR A 77 20.05 -6.28 1.45
N VAL A 78 21.18 -5.93 0.84
CA VAL A 78 21.49 -6.30 -0.52
C VAL A 78 22.84 -7.02 -0.54
N TYR A 79 22.94 -8.06 -1.35
CA TYR A 79 24.16 -8.82 -1.56
C TYR A 79 24.56 -8.76 -3.03
N LEU A 80 25.84 -8.51 -3.27
CA LEU A 80 26.41 -8.51 -4.60
C LEU A 80 27.40 -9.68 -4.68
N GLN A 81 27.15 -10.59 -5.61
CA GLN A 81 28.08 -11.68 -5.89
C GLN A 81 28.78 -11.37 -7.20
N MET A 82 30.11 -11.41 -7.19
CA MET A 82 30.86 -11.28 -8.42
C MET A 82 31.88 -12.40 -8.53
N ASN A 83 32.13 -12.83 -9.76
CA ASN A 83 33.07 -13.90 -10.01
C ASN A 83 33.79 -13.62 -11.33
N SER A 84 34.94 -14.28 -11.49
CA SER A 84 35.87 -14.05 -12.60
C SER A 84 36.25 -12.57 -12.69
N LEU A 85 36.84 -12.08 -11.60
CA LEU A 85 37.20 -10.68 -11.51
C LEU A 85 38.37 -10.36 -12.42
N LYS A 86 38.35 -9.14 -12.96
CA LYS A 86 39.32 -8.62 -13.91
C LYS A 86 39.93 -7.35 -13.33
N PRO A 87 41.21 -7.07 -13.58
CA PRO A 87 41.89 -6.02 -12.82
C PRO A 87 41.53 -4.59 -13.17
N GLU A 88 40.50 -4.34 -13.98
CA GLU A 88 39.92 -3.02 -14.10
C GLU A 88 38.77 -2.80 -13.12
N ASP A 89 38.50 -3.79 -12.26
CA ASP A 89 37.45 -3.68 -11.26
C ASP A 89 37.95 -3.19 -9.91
N THR A 90 39.24 -2.89 -9.78
CA THR A 90 39.78 -2.33 -8.55
C THR A 90 39.20 -0.95 -8.35
N ALA A 91 38.24 -0.83 -7.44
CA ALA A 91 37.47 0.40 -7.33
C ALA A 91 36.92 0.53 -5.93
N VAL A 92 36.47 1.73 -5.60
CA VAL A 92 35.76 1.96 -4.35
C VAL A 92 34.27 1.78 -4.64
N TYR A 93 33.65 0.82 -3.95
CA TYR A 93 32.26 0.46 -4.20
C TYR A 93 31.37 1.14 -3.16
N TYR A 94 30.32 1.78 -3.65
CA TYR A 94 29.34 2.46 -2.81
C TYR A 94 28.01 1.75 -2.90
N CYS A 95 27.25 1.82 -1.82
CA CYS A 95 25.89 1.29 -1.76
C CYS A 95 24.92 2.46 -1.82
N ALA A 96 24.07 2.49 -2.84
CA ALA A 96 23.08 3.53 -3.02
C ALA A 96 21.70 2.97 -2.82
N ALA A 97 20.83 3.75 -2.19
CA ALA A 97 19.49 3.30 -1.84
C ALA A 97 18.53 4.45 -2.10
N GLU A 98 17.62 4.27 -3.05
CA GLU A 98 16.68 5.31 -3.42
C GLU A 98 15.27 4.90 -3.07
N VAL A 99 14.55 5.81 -2.42
CA VAL A 99 13.10 5.70 -2.27
C VAL A 99 12.46 6.64 -3.28
N LEU A 100 11.47 6.13 -4.00
CA LEU A 100 10.81 6.89 -5.05
C LEU A 100 9.32 6.96 -4.79
N ASP A 101 8.74 8.13 -5.07
CA ASP A 101 7.35 8.41 -4.74
C ASP A 101 6.43 7.90 -5.84
N TYR A 102 5.34 7.26 -5.44
CA TYR A 102 4.40 6.71 -6.41
C TYR A 102 3.56 7.79 -7.08
N THR A 103 3.26 8.87 -6.34
CA THR A 103 2.38 9.91 -6.90
C THR A 103 3.09 10.70 -7.98
N PHE A 104 4.37 10.99 -7.80
CA PHE A 104 5.14 11.80 -8.74
C PHE A 104 6.42 11.06 -9.08
N ALA A 105 6.57 10.68 -10.36
CA ALA A 105 7.69 9.86 -10.77
C ALA A 105 9.01 10.62 -10.77
N TYR A 106 8.98 11.94 -10.78
CA TYR A 106 10.21 12.72 -10.77
C TYR A 106 10.87 12.73 -9.40
N LEU A 107 10.08 12.63 -8.32
CA LEU A 107 10.63 12.66 -6.98
C LEU A 107 11.40 11.38 -6.65
N TYR A 108 12.51 11.54 -5.95
CA TYR A 108 13.35 10.44 -5.49
C TYR A 108 14.29 10.95 -4.43
N HIS A 109 14.60 10.09 -3.47
CA HIS A 109 15.57 10.40 -2.42
C HIS A 109 16.62 9.30 -2.44
N ALA A 110 17.88 9.69 -2.61
CA ALA A 110 18.99 8.75 -2.68
C ALA A 110 19.89 8.90 -1.48
N TYR A 111 20.29 7.77 -0.91
CA TYR A 111 21.17 7.73 0.25
C TYR A 111 22.36 6.84 -0.09
N TRP A 112 23.49 7.11 0.56
CA TRP A 112 24.77 6.54 0.17
C TRP A 112 25.46 5.91 1.37
N GLY A 113 26.32 4.92 1.07
CA GLY A 113 27.20 4.36 2.05
C GLY A 113 28.59 4.98 2.00
N GLN A 114 29.47 4.48 2.87
CA GLN A 114 30.82 5.00 2.91
C GLN A 114 31.67 4.46 1.77
N GLY A 115 31.43 3.24 1.34
CA GLY A 115 32.21 2.63 0.28
C GLY A 115 33.35 1.79 0.79
N THR A 116 33.62 0.67 0.13
CA THR A 116 34.71 -0.22 0.47
C THR A 116 35.63 -0.38 -0.72
N GLN A 117 36.93 -0.42 -0.46
CA GLN A 117 37.91 -0.57 -1.52
C GLN A 117 38.05 -2.04 -1.91
N VAL A 118 37.95 -2.33 -3.19
CA VAL A 118 38.14 -3.68 -3.73
C VAL A 118 39.31 -3.64 -4.69
N THR A 119 40.38 -4.35 -4.34
CA THR A 119 41.57 -4.44 -5.18
C THR A 119 41.72 -5.88 -5.62
N VAL A 120 41.51 -6.15 -6.91
CA VAL A 120 41.77 -7.47 -7.47
C VAL A 120 43.14 -7.45 -8.12
N SER A 121 43.96 -8.44 -7.80
CA SER A 121 45.36 -8.48 -8.20
C SER A 121 45.64 -9.78 -8.93
N SER A 122 46.31 -9.67 -10.08
CA SER A 122 46.73 -10.83 -10.86
C SER A 122 48.14 -11.27 -10.51
N HIS A 123 48.76 -10.64 -9.51
CA HIS A 123 50.13 -10.99 -9.14
C HIS A 123 50.18 -12.36 -8.47
N HIS A 124 51.06 -13.21 -8.96
CA HIS A 124 51.26 -14.54 -8.38
C HIS A 124 52.34 -14.51 -7.31
N GLU B 38 -27.24 -10.41 40.72
CA GLU B 38 -26.14 -11.27 41.15
C GLU B 38 -25.88 -12.38 40.14
N ASN B 39 -26.70 -12.41 39.10
CA ASN B 39 -26.61 -13.43 38.06
C ASN B 39 -26.51 -12.78 36.69
N PHE B 40 -25.78 -13.44 35.81
CA PHE B 40 -25.76 -13.09 34.41
C PHE B 40 -27.11 -13.49 33.78
N MET B 41 -27.47 -12.82 32.69
CA MET B 41 -28.76 -12.98 32.01
C MET B 41 -29.92 -12.69 32.97
N ASP B 42 -30.03 -11.43 33.38
CA ASP B 42 -31.14 -11.01 34.24
C ASP B 42 -32.31 -10.62 33.35
N ILE B 43 -33.23 -11.56 33.14
CA ILE B 43 -34.45 -11.32 32.37
C ILE B 43 -35.66 -11.15 33.29
N GLU B 44 -35.55 -11.55 34.56
CA GLU B 44 -36.66 -11.38 35.50
C GLU B 44 -36.99 -9.93 35.78
N CYS B 45 -36.07 -9.00 35.50
CA CYS B 45 -36.38 -7.58 35.56
C CYS B 45 -37.33 -7.21 34.40
N PHE B 46 -37.92 -6.01 34.52
CA PHE B 46 -38.91 -5.49 33.57
C PHE B 46 -40.11 -6.44 33.44
N MET B 47 -40.86 -6.51 34.55
CA MET B 47 -42.02 -7.39 34.74
C MET B 47 -43.22 -7.05 33.83
N VAL B 48 -43.09 -6.11 32.88
CA VAL B 48 -44.15 -5.84 31.92
C VAL B 48 -44.38 -7.06 31.02
N LEU B 49 -43.36 -7.88 30.82
CA LEU B 49 -43.43 -9.04 29.95
C LEU B 49 -44.36 -10.08 30.57
N ASN B 50 -45.60 -10.13 30.07
CA ASN B 50 -46.55 -11.14 30.49
C ASN B 50 -46.13 -12.50 29.92
N PRO B 51 -46.60 -13.61 30.52
CA PRO B 51 -46.28 -14.94 29.95
C PRO B 51 -46.80 -15.15 28.54
N SER B 52 -47.77 -14.35 28.09
CA SER B 52 -48.19 -14.39 26.70
C SER B 52 -47.11 -13.89 25.75
N GLN B 53 -46.16 -13.06 26.23
CA GLN B 53 -45.07 -12.58 25.40
C GLN B 53 -43.69 -12.97 25.90
N GLN B 54 -43.57 -13.54 27.10
CA GLN B 54 -42.27 -14.00 27.59
C GLN B 54 -41.73 -15.14 26.72
N LEU B 55 -42.61 -16.07 26.33
CA LEU B 55 -42.19 -17.14 25.44
C LEU B 55 -41.82 -16.60 24.07
N ALA B 56 -42.51 -15.54 23.63
CA ALA B 56 -42.15 -14.89 22.37
C ALA B 56 -40.78 -14.26 22.43
N ILE B 57 -40.46 -13.58 23.54
CA ILE B 57 -39.12 -13.02 23.72
C ILE B 57 -38.07 -14.12 23.74
N ALA B 58 -38.37 -15.21 24.45
CA ALA B 58 -37.42 -16.32 24.52
C ALA B 58 -37.16 -16.95 23.15
N VAL B 59 -38.23 -17.15 22.37
CA VAL B 59 -38.04 -17.80 21.08
C VAL B 59 -37.38 -16.85 20.07
N LEU B 60 -37.63 -15.54 20.17
CA LEU B 60 -36.96 -14.63 19.23
C LEU B 60 -35.48 -14.50 19.58
N SER B 61 -35.15 -14.49 20.88
CA SER B 61 -33.75 -14.47 21.27
C SER B 61 -33.04 -15.75 20.85
N LEU B 62 -33.70 -16.90 21.00
CA LEU B 62 -33.10 -18.18 20.58
C LEU B 62 -32.89 -18.22 19.07
N THR B 63 -33.87 -17.77 18.30
CA THR B 63 -33.72 -17.79 16.84
C THR B 63 -32.68 -16.79 16.37
N LEU B 64 -32.58 -15.62 17.03
CA LEU B 64 -31.54 -14.67 16.66
C LEU B 64 -30.15 -15.20 16.97
N GLY B 65 -29.98 -15.83 18.15
CA GLY B 65 -28.68 -16.41 18.48
C GLY B 65 -28.30 -17.54 17.55
N THR B 66 -29.26 -18.42 17.24
CA THR B 66 -28.99 -19.51 16.31
C THR B 66 -28.65 -18.98 14.92
N PHE B 67 -29.36 -17.93 14.47
CA PHE B 67 -29.08 -17.34 13.18
C PHE B 67 -27.69 -16.74 13.14
N THR B 68 -27.27 -16.05 14.20
CA THR B 68 -25.91 -15.50 14.26
C THR B 68 -24.87 -16.60 14.21
N VAL B 69 -25.09 -17.69 14.96
CA VAL B 69 -24.12 -18.79 14.97
C VAL B 69 -24.01 -19.42 13.59
N LEU B 70 -25.13 -19.66 12.92
CA LEU B 70 -25.07 -20.25 11.58
C LEU B 70 -24.45 -19.30 10.56
N GLU B 71 -24.73 -18.00 10.64
CA GLU B 71 -24.07 -17.05 9.73
C GLU B 71 -22.56 -17.04 9.95
N ASN B 72 -22.13 -17.08 11.21
CA ASN B 72 -20.70 -16.97 11.50
C ASN B 72 -19.97 -18.23 11.08
N LEU B 73 -20.53 -19.41 11.36
CA LEU B 73 -19.94 -20.64 10.86
C LEU B 73 -19.97 -20.72 9.34
N LEU B 74 -20.98 -20.13 8.70
CA LEU B 74 -21.00 -20.06 7.25
C LEU B 74 -19.84 -19.21 6.73
N VAL B 75 -19.58 -18.08 7.38
CA VAL B 75 -18.48 -17.21 6.97
C VAL B 75 -17.13 -17.92 7.15
N LEU B 76 -16.94 -18.59 8.29
CA LEU B 76 -15.70 -19.34 8.50
C LEU B 76 -15.54 -20.46 7.47
N CYS B 77 -16.59 -21.21 7.18
CA CYS B 77 -16.39 -22.35 6.28
C CYS B 77 -16.22 -21.90 4.84
N VAL B 78 -16.81 -20.77 4.45
CA VAL B 78 -16.56 -20.32 3.07
C VAL B 78 -15.18 -19.68 2.99
N ILE B 79 -14.66 -19.13 4.09
CA ILE B 79 -13.28 -18.64 4.08
C ILE B 79 -12.31 -19.80 3.97
N LEU B 80 -12.47 -20.83 4.79
CA LEU B 80 -11.50 -21.91 4.85
C LEU B 80 -11.61 -22.89 3.70
N HIS B 81 -12.70 -22.90 2.95
CA HIS B 81 -12.83 -23.72 1.76
C HIS B 81 -12.43 -22.98 0.50
N SER B 82 -11.94 -21.75 0.64
CA SER B 82 -11.51 -20.93 -0.48
C SER B 82 -10.01 -20.71 -0.38
N ARG B 83 -9.29 -21.05 -1.45
CA ARG B 83 -7.84 -20.85 -1.46
C ARG B 83 -7.48 -19.37 -1.64
N SER B 84 -8.30 -18.62 -2.38
CA SER B 84 -7.96 -17.25 -2.72
C SER B 84 -8.28 -16.25 -1.63
N LEU B 85 -8.94 -16.68 -0.55
CA LEU B 85 -9.35 -15.73 0.48
C LEU B 85 -8.41 -15.74 1.69
N ARG B 86 -7.94 -16.91 2.11
CA ARG B 86 -6.99 -16.95 3.23
C ARG B 86 -5.55 -16.77 2.76
N CYS B 87 -5.29 -16.81 1.46
CA CYS B 87 -3.96 -16.50 0.95
C CYS B 87 -3.71 -15.00 0.85
N ARG B 88 -4.77 -14.19 0.91
CA ARG B 88 -4.62 -12.75 0.90
C ARG B 88 -4.72 -12.23 2.32
N PRO B 89 -3.67 -11.58 2.85
CA PRO B 89 -3.75 -11.05 4.22
C PRO B 89 -4.81 -9.97 4.41
N SER B 90 -5.15 -9.25 3.32
CA SER B 90 -6.14 -8.17 3.40
C SER B 90 -7.52 -8.66 3.79
N TYR B 91 -7.83 -9.94 3.58
CA TYR B 91 -9.09 -10.53 3.98
C TYR B 91 -9.03 -11.23 5.32
N HIS B 92 -7.84 -11.33 5.93
CA HIS B 92 -7.64 -12.17 7.12
C HIS B 92 -8.55 -11.73 8.26
N PHE B 93 -8.65 -10.43 8.47
CA PHE B 93 -9.45 -9.88 9.56
C PHE B 93 -10.92 -10.26 9.46
N ILE B 94 -11.42 -10.52 8.23
CA ILE B 94 -12.78 -11.04 8.05
C ILE B 94 -12.99 -12.25 8.95
N GLY B 95 -12.11 -13.25 8.82
CA GLY B 95 -12.19 -14.41 9.69
C GLY B 95 -12.10 -14.01 11.16
N SER B 96 -11.15 -13.13 11.47
CA SER B 96 -11.00 -12.64 12.84
C SER B 96 -12.27 -12.00 13.32
N LEU B 97 -12.87 -11.14 12.49
CA LEU B 97 -14.09 -10.43 12.90
C LEU B 97 -15.19 -11.43 13.17
N ALA B 98 -15.33 -12.43 12.29
CA ALA B 98 -16.38 -13.42 12.45
C ALA B 98 -16.16 -14.22 13.72
N VAL B 99 -14.90 -14.56 14.00
CA VAL B 99 -14.58 -15.32 15.21
C VAL B 99 -14.96 -14.51 16.44
N ALA B 100 -14.68 -13.19 16.40
CA ALA B 100 -15.04 -12.35 17.53
C ALA B 100 -16.55 -12.32 17.72
N ASP B 101 -17.29 -12.24 16.60
CA ASP B 101 -18.74 -12.25 16.69
C ASP B 101 -19.24 -13.58 17.21
N LEU B 102 -18.52 -14.67 16.89
CA LEU B 102 -18.89 -15.98 17.40
C LEU B 102 -18.78 -16.02 18.92
N LEU B 103 -17.78 -15.34 19.47
CA LEU B 103 -17.64 -15.30 20.92
C LEU B 103 -18.77 -14.51 21.56
N GLY B 104 -19.43 -13.64 20.80
CA GLY B 104 -20.61 -12.99 21.32
C GLY B 104 -21.87 -13.78 21.07
N SER B 105 -21.84 -14.71 20.13
CA SER B 105 -23.05 -15.45 19.80
C SER B 105 -23.25 -16.64 20.74
N VAL B 106 -22.31 -17.59 20.68
CA VAL B 106 -22.45 -18.88 21.35
C VAL B 106 -22.60 -18.69 22.85
N ILE B 107 -21.76 -17.82 23.43
CA ILE B 107 -21.81 -17.51 24.86
C ILE B 107 -23.21 -17.04 25.24
N PHE B 108 -23.77 -16.14 24.43
CA PHE B 108 -25.14 -15.65 24.66
C PHE B 108 -26.12 -16.79 24.70
N VAL B 109 -26.05 -17.68 23.69
CA VAL B 109 -26.93 -18.84 23.63
C VAL B 109 -26.71 -19.71 24.86
N TYR B 110 -25.45 -19.93 25.23
CA TYR B 110 -25.15 -20.72 26.41
C TYR B 110 -25.72 -20.05 27.65
N SER B 111 -25.53 -18.73 27.76
CA SER B 111 -26.05 -18.02 28.90
C SER B 111 -27.56 -17.98 28.91
N PHE B 112 -28.21 -18.18 27.77
CA PHE B 112 -29.66 -18.19 27.72
C PHE B 112 -30.24 -19.55 28.09
N ILE B 113 -29.43 -20.60 28.09
CA ILE B 113 -29.93 -21.93 28.43
C ILE B 113 -29.84 -22.19 29.92
N ASP B 114 -28.80 -21.67 30.58
CA ASP B 114 -28.60 -21.92 32.00
C ASP B 114 -29.57 -21.18 32.89
N PHE B 115 -30.40 -20.29 32.37
CA PHE B 115 -31.32 -19.56 33.23
C PHE B 115 -32.78 -19.83 32.94
N HIS B 116 -33.16 -20.16 31.70
CA HIS B 116 -34.52 -20.60 31.40
C HIS B 116 -34.65 -22.12 31.33
N VAL B 117 -33.88 -22.76 30.45
CA VAL B 117 -33.98 -24.21 30.30
C VAL B 117 -33.51 -24.91 31.55
N PHE B 118 -32.36 -24.50 32.08
CA PHE B 118 -31.97 -24.89 33.42
C PHE B 118 -32.33 -23.74 34.36
N HIS B 119 -31.92 -23.86 35.62
CA HIS B 119 -32.02 -22.75 36.56
C HIS B 119 -30.77 -22.70 37.41
N ARG B 120 -29.62 -22.97 36.79
CA ARG B 120 -28.35 -23.01 37.52
C ARG B 120 -27.91 -21.59 37.85
N LYS B 121 -27.83 -21.29 39.15
CA LYS B 121 -27.33 -20.00 39.57
C LYS B 121 -25.80 -19.98 39.41
N ASP B 122 -25.31 -19.00 38.66
CA ASP B 122 -23.89 -18.92 38.36
C ASP B 122 -23.12 -18.40 39.57
N SER B 123 -21.93 -18.96 39.77
CA SER B 123 -21.03 -18.52 40.83
C SER B 123 -20.27 -17.28 40.36
N ARG B 124 -19.26 -16.88 41.13
CA ARG B 124 -18.41 -15.76 40.71
C ARG B 124 -17.58 -16.13 39.51
N ASN B 125 -17.07 -17.37 39.47
CA ASN B 125 -16.19 -17.81 38.38
C ASN B 125 -16.91 -17.80 37.03
N VAL B 126 -18.16 -18.28 37.00
CA VAL B 126 -18.88 -18.38 35.73
C VAL B 126 -19.27 -16.99 35.23
N PHE B 127 -19.70 -16.11 36.13
CA PHE B 127 -20.01 -14.73 35.75
C PHE B 127 -18.77 -14.02 35.21
N LEU B 128 -17.62 -14.23 35.87
CA LEU B 128 -16.37 -13.63 35.42
C LEU B 128 -15.99 -14.16 34.04
N PHE B 129 -16.15 -15.46 33.82
CA PHE B 129 -15.84 -16.06 32.53
C PHE B 129 -16.73 -15.50 31.42
N LYS B 130 -18.03 -15.36 31.70
CA LYS B 130 -18.96 -14.86 30.69
C LYS B 130 -18.68 -13.41 30.32
N LEU B 131 -18.49 -12.55 31.33
CA LEU B 131 -18.19 -11.16 31.06
C LEU B 131 -16.85 -11.00 30.37
N GLY B 132 -15.86 -11.83 30.74
CA GLY B 132 -14.59 -11.81 30.05
C GLY B 132 -14.70 -12.23 28.60
N GLY B 133 -15.54 -13.22 28.31
CA GLY B 133 -15.75 -13.63 26.92
C GLY B 133 -16.35 -12.53 26.06
N VAL B 134 -17.37 -11.83 26.60
CA VAL B 134 -18.00 -10.77 25.82
C VAL B 134 -17.04 -9.60 25.61
N THR B 135 -16.31 -9.21 26.67
CA THR B 135 -15.34 -8.12 26.53
C THR B 135 -14.21 -8.49 25.56
N ALA B 136 -13.78 -9.76 25.58
CA ALA B 136 -12.77 -10.22 24.65
C ALA B 136 -13.27 -10.16 23.22
N SER B 137 -14.55 -10.49 23.01
CA SER B 137 -15.14 -10.39 21.68
C SER B 137 -15.09 -8.96 21.15
N PHE B 138 -15.50 -8.00 21.98
CA PHE B 138 -15.47 -6.61 21.53
C PHE B 138 -14.04 -6.10 21.29
N THR B 139 -13.12 -6.42 22.20
CA THR B 139 -11.76 -5.94 22.06
C THR B 139 -11.08 -6.57 20.83
N ALA B 140 -11.38 -7.83 20.53
CA ALA B 140 -10.84 -8.45 19.34
C ALA B 140 -11.43 -7.84 18.07
N LYS B 141 -12.70 -7.44 18.11
CA LYS B 141 -13.28 -6.71 16.97
C LYS B 141 -12.53 -5.40 16.72
N VAL B 142 -12.29 -4.63 17.79
CA VAL B 142 -11.59 -3.36 17.65
C VAL B 142 -10.16 -3.56 17.16
N GLY B 143 -9.46 -4.56 17.69
CA GLY B 143 -8.10 -4.84 17.24
C GLY B 143 -8.02 -5.34 15.80
N SER B 144 -9.01 -6.12 15.37
CA SER B 144 -9.05 -6.53 13.97
C SER B 144 -9.24 -5.33 13.06
N LEU B 145 -10.08 -4.38 13.47
CA LEU B 145 -10.20 -3.14 12.71
C LEU B 145 -8.90 -2.34 12.72
N PHE B 146 -8.15 -2.40 13.83
CA PHE B 146 -6.85 -1.74 13.90
C PHE B 146 -5.87 -2.30 12.87
N LEU B 147 -5.72 -3.62 12.84
CA LEU B 147 -4.81 -4.23 11.90
C LEU B 147 -5.28 -4.07 10.46
N ALA B 148 -6.59 -4.07 10.24
CA ALA B 148 -7.12 -3.82 8.90
C ALA B 148 -6.82 -2.40 8.44
N ALA B 149 -6.91 -1.41 9.33
CA ALA B 149 -6.59 -0.04 8.98
C ALA B 149 -5.11 0.11 8.62
N ILE B 150 -4.23 -0.52 9.39
CA ILE B 150 -2.80 -0.46 9.08
C ILE B 150 -2.51 -1.11 7.72
N ASP B 151 -3.13 -2.27 7.47
CA ASP B 151 -2.94 -2.95 6.19
C ASP B 151 -3.46 -2.11 5.03
N ARG B 152 -4.58 -1.42 5.23
CA ARG B 152 -5.12 -0.55 4.18
C ARG B 152 -4.19 0.62 3.88
N TYR B 153 -3.61 1.22 4.92
CA TYR B 153 -2.66 2.32 4.69
C TYR B 153 -1.44 1.84 3.92
N ILE B 154 -0.89 0.69 4.30
CA ILE B 154 0.29 0.18 3.59
C ILE B 154 -0.06 -0.20 2.15
N SER B 155 -1.27 -0.73 1.94
CA SER B 155 -1.65 -1.16 0.60
C SER B 155 -1.89 0.02 -0.32
N ILE B 156 -2.56 1.06 0.16
CA ILE B 156 -2.94 2.17 -0.73
C ILE B 156 -1.82 3.19 -0.85
N HIS B 157 -1.28 3.69 0.27
CA HIS B 157 -0.38 4.83 0.19
C HIS B 157 1.09 4.46 0.13
N ARG B 158 1.44 3.18 0.25
CA ARG B 158 2.78 2.69 -0.01
C ARG B 158 2.69 1.44 -0.87
N PRO B 159 2.24 1.56 -2.12
CA PRO B 159 1.96 0.35 -2.93
C PRO B 159 3.21 -0.41 -3.32
N LEU B 160 4.37 0.26 -3.36
CA LEU B 160 5.60 -0.44 -3.71
C LEU B 160 6.10 -1.30 -2.56
N ALA B 161 5.85 -0.88 -1.33
CA ALA B 161 6.31 -1.60 -0.15
C ALA B 161 5.28 -2.59 0.39
N TYR B 162 4.08 -2.64 -0.20
CA TYR B 162 3.01 -3.44 0.39
C TYR B 162 3.28 -4.93 0.24
N LYS B 163 3.67 -5.37 -0.95
CA LYS B 163 3.83 -6.79 -1.19
C LYS B 163 5.08 -7.37 -0.53
N ARG B 164 5.96 -6.54 0.02
CA ARG B 164 7.11 -6.98 0.78
C ARG B 164 7.01 -6.75 2.27
N ILE B 165 6.23 -5.79 2.73
CA ILE B 165 6.06 -5.56 4.16
C ILE B 165 4.96 -6.49 4.68
N VAL B 166 3.76 -6.36 4.14
CA VAL B 166 2.60 -7.11 4.63
C VAL B 166 2.69 -8.50 4.03
N THR B 167 3.25 -9.43 4.80
CA THR B 167 3.29 -10.83 4.43
C THR B 167 2.27 -11.61 5.25
N ARG B 168 1.98 -12.82 4.79
CA ARG B 168 1.07 -13.70 5.52
C ARG B 168 1.58 -14.09 6.92
N PRO B 169 2.85 -14.52 7.12
CA PRO B 169 3.27 -14.83 8.50
C PRO B 169 3.26 -13.63 9.44
N LYS B 170 3.63 -12.45 8.94
CA LYS B 170 3.62 -11.26 9.78
C LYS B 170 2.21 -10.88 10.18
N ALA B 171 1.27 -10.96 9.24
CA ALA B 171 -0.13 -10.66 9.56
C ALA B 171 -0.71 -11.67 10.55
N VAL B 172 -0.39 -12.95 10.36
CA VAL B 172 -0.88 -13.99 11.27
C VAL B 172 -0.33 -13.78 12.67
N VAL B 173 0.97 -13.44 12.77
CA VAL B 173 1.59 -13.18 14.06
C VAL B 173 0.95 -11.97 14.73
N ALA B 174 0.71 -10.89 13.97
CA ALA B 174 0.12 -9.69 14.55
C ALA B 174 -1.31 -9.95 15.02
N PHE B 175 -2.08 -10.72 14.26
CA PHE B 175 -3.44 -11.05 14.67
C PHE B 175 -3.44 -11.92 15.91
N CYS B 176 -2.51 -12.88 16.00
CA CYS B 176 -2.41 -13.71 17.19
C CYS B 176 -2.02 -12.90 18.41
N LEU B 177 -1.09 -11.95 18.26
CA LEU B 177 -0.70 -11.09 19.37
C LEU B 177 -1.86 -10.21 19.83
N MET B 178 -2.65 -9.68 18.89
CA MET B 178 -3.81 -8.89 19.26
C MET B 178 -4.86 -9.73 19.98
N TRP B 179 -5.10 -10.96 19.49
CA TRP B 179 -6.07 -11.82 20.13
C TRP B 179 -5.63 -12.22 21.53
N THR B 180 -4.33 -12.47 21.71
CA THR B 180 -3.83 -12.87 23.02
C THR B 180 -3.86 -11.71 24.00
N ILE B 181 -3.55 -10.50 23.55
CA ILE B 181 -3.60 -9.38 24.49
C ILE B 181 -5.06 -9.05 24.86
N ALA B 182 -5.99 -9.23 23.91
CA ALA B 182 -7.41 -9.08 24.24
C ALA B 182 -7.87 -10.14 25.24
N ILE B 183 -7.40 -11.39 25.05
CA ILE B 183 -7.75 -12.47 25.97
C ILE B 183 -7.22 -12.18 27.37
N VAL B 184 -5.98 -11.71 27.46
CA VAL B 184 -5.35 -11.44 28.75
C VAL B 184 -6.08 -10.31 29.48
N ILE B 185 -6.37 -9.21 28.77
CA ILE B 185 -7.03 -8.09 29.41
C ILE B 185 -8.48 -8.44 29.76
N ALA B 186 -9.05 -9.43 29.07
CA ALA B 186 -10.37 -9.91 29.45
C ALA B 186 -10.32 -10.78 30.71
N VAL B 187 -9.29 -11.63 30.83
CA VAL B 187 -9.27 -12.63 31.90
C VAL B 187 -8.57 -12.10 33.14
N LEU B 188 -8.12 -10.84 33.11
CA LEU B 188 -7.53 -10.23 34.32
C LEU B 188 -8.39 -10.31 35.60
N PRO B 189 -9.71 -10.10 35.60
CA PRO B 189 -10.44 -10.29 36.87
C PRO B 189 -10.47 -11.73 37.35
N LEU B 190 -10.34 -12.70 36.45
CA LEU B 190 -10.28 -14.09 36.87
C LEU B 190 -8.98 -14.41 37.62
N LEU B 191 -7.94 -13.60 37.43
CA LEU B 191 -6.66 -13.81 38.08
C LEU B 191 -6.55 -13.11 39.42
N GLY B 192 -7.62 -12.45 39.88
CA GLY B 192 -7.57 -11.83 41.19
C GLY B 192 -7.89 -10.35 41.18
N TRP B 193 -8.64 -9.89 40.18
CA TRP B 193 -9.08 -8.50 40.10
C TRP B 193 -10.60 -8.42 40.21
N ASN B 194 -11.18 -9.19 41.12
CA ASN B 194 -12.58 -9.04 41.47
C ASN B 194 -12.71 -8.13 42.69
N CYS B 195 -13.88 -7.50 42.82
CA CYS B 195 -14.02 -6.41 43.77
C CYS B 195 -14.05 -6.88 45.22
N GLU B 196 -14.41 -8.14 45.48
CA GLU B 196 -14.35 -8.65 46.83
C GLU B 196 -12.93 -8.88 47.31
N LYS B 197 -11.97 -9.02 46.39
CA LYS B 197 -10.58 -9.21 46.78
C LYS B 197 -9.97 -7.91 47.29
N LEU B 198 -10.24 -6.81 46.59
CA LEU B 198 -9.65 -5.52 46.95
C LEU B 198 -10.32 -4.87 48.14
N GLN B 199 -11.48 -5.39 48.57
CA GLN B 199 -12.25 -4.88 49.71
C GLN B 199 -12.62 -3.41 49.54
N SER B 200 -12.97 -3.04 48.31
CA SER B 200 -13.34 -1.67 47.98
C SER B 200 -14.70 -1.67 47.29
N VAL B 201 -15.22 -0.47 47.03
CA VAL B 201 -16.52 -0.33 46.40
C VAL B 201 -16.43 -0.77 44.94
N CYS B 202 -17.46 -1.46 44.47
CA CYS B 202 -17.51 -1.94 43.10
C CYS B 202 -18.90 -1.72 42.53
N SER B 203 -19.05 -2.03 41.24
CA SER B 203 -20.20 -1.61 40.46
C SER B 203 -21.45 -2.37 40.87
N ASP B 204 -22.61 -1.78 40.57
CA ASP B 204 -23.90 -2.36 40.91
C ASP B 204 -24.56 -3.08 39.75
N ILE B 205 -24.35 -2.61 38.51
CA ILE B 205 -24.86 -3.34 37.35
C ILE B 205 -24.01 -4.55 37.04
N PHE B 206 -22.80 -4.64 37.61
CA PHE B 206 -21.92 -5.78 37.43
C PHE B 206 -21.41 -6.19 38.80
N PRO B 207 -22.10 -7.11 39.47
CA PRO B 207 -21.57 -7.67 40.72
C PRO B 207 -20.27 -8.42 40.47
N HIS B 208 -19.38 -8.36 41.48
CA HIS B 208 -18.04 -8.97 41.44
C HIS B 208 -17.19 -8.42 40.29
N ILE B 209 -17.43 -7.17 39.91
CA ILE B 209 -16.58 -6.45 38.95
C ILE B 209 -16.16 -5.14 39.59
N ASP B 210 -14.86 -4.93 39.71
CA ASP B 210 -14.37 -3.70 40.32
C ASP B 210 -14.51 -2.52 39.37
N LYS B 211 -14.47 -1.33 39.95
CA LYS B 211 -14.67 -0.10 39.18
C LYS B 211 -13.45 0.23 38.34
N THR B 212 -12.25 0.05 38.91
CA THR B 212 -11.01 0.45 38.25
C THR B 212 -10.77 -0.37 36.99
N TYR B 213 -11.05 -1.68 37.04
CA TYR B 213 -10.90 -2.52 35.86
C TYR B 213 -11.83 -2.06 34.74
N LEU B 214 -13.08 -1.73 35.09
CA LEU B 214 -14.04 -1.31 34.09
C LEU B 214 -13.63 0.01 33.44
N MET B 215 -13.18 0.98 34.23
CA MET B 215 -12.81 2.26 33.62
C MET B 215 -11.54 2.13 32.80
N PHE B 216 -10.59 1.29 33.23
CA PHE B 216 -9.38 1.07 32.44
C PHE B 216 -9.70 0.40 31.11
N TRP B 217 -10.56 -0.63 31.13
CA TRP B 217 -10.92 -1.33 29.91
C TRP B 217 -11.66 -0.42 28.93
N ILE B 218 -12.63 0.36 29.44
CA ILE B 218 -13.38 1.23 28.54
C ILE B 218 -12.50 2.36 28.02
N GLY B 219 -11.54 2.83 28.81
CA GLY B 219 -10.62 3.85 28.32
C GLY B 219 -9.73 3.33 27.19
N VAL B 220 -9.21 2.12 27.35
CA VAL B 220 -8.38 1.52 26.30
C VAL B 220 -9.18 1.34 25.02
N VAL B 221 -10.40 0.81 25.14
CA VAL B 221 -11.20 0.53 23.94
C VAL B 221 -11.62 1.83 23.26
N SER B 222 -12.00 2.84 24.04
CA SER B 222 -12.41 4.12 23.46
C SER B 222 -11.26 4.83 22.76
N VAL B 223 -10.06 4.79 23.36
CA VAL B 223 -8.89 5.42 22.74
C VAL B 223 -8.56 4.74 21.42
N LEU B 224 -8.58 3.40 21.42
CA LEU B 224 -8.28 2.67 20.19
C LEU B 224 -9.33 2.93 19.12
N LEU B 225 -10.60 3.02 19.51
CA LEU B 225 -11.68 3.27 18.54
C LEU B 225 -11.55 4.65 17.91
N LEU B 226 -11.27 5.68 18.71
CA LEU B 226 -11.12 7.02 18.14
C LEU B 226 -9.89 7.09 17.23
N PHE B 227 -8.81 6.38 17.59
CA PHE B 227 -7.65 6.33 16.71
C PHE B 227 -8.01 5.67 15.38
N ILE B 228 -8.84 4.64 15.40
CA ILE B 228 -9.20 3.97 14.15
C ILE B 228 -10.09 4.83 13.28
N VAL B 229 -11.00 5.59 13.90
CA VAL B 229 -11.81 6.54 13.13
C VAL B 229 -10.92 7.57 12.44
N TYR B 230 -9.94 8.11 13.19
CA TYR B 230 -9.01 9.07 12.62
C TYR B 230 -8.19 8.46 11.49
N ALA B 231 -7.71 7.24 11.67
CA ALA B 231 -6.87 6.59 10.66
C ALA B 231 -7.63 6.31 9.39
N TYR B 232 -8.85 5.79 9.49
CA TYR B 232 -9.63 5.53 8.28
C TYR B 232 -10.02 6.81 7.57
N MET B 233 -10.33 7.87 8.33
CA MET B 233 -10.64 9.15 7.71
C MET B 233 -9.44 9.69 6.94
N TYR B 234 -8.24 9.60 7.52
CA TYR B 234 -7.05 10.08 6.82
C TYR B 234 -6.74 9.24 5.60
N ILE B 235 -6.89 7.92 5.70
CA ILE B 235 -6.59 7.03 4.57
C ILE B 235 -7.54 7.32 3.40
N LEU B 236 -8.83 7.48 3.69
CA LEU B 236 -9.78 7.72 2.60
C LEU B 236 -9.65 9.15 2.07
N TRP B 237 -9.24 10.10 2.91
CA TRP B 237 -9.12 11.47 2.44
C TRP B 237 -7.91 11.66 1.55
N LYS B 238 -6.75 11.12 1.96
CA LYS B 238 -5.53 11.34 1.19
C LYS B 238 -5.56 10.57 -0.12
N ALA B 239 -6.20 9.41 -0.14
CA ALA B 239 -6.22 8.60 -1.36
C ALA B 239 -7.21 9.15 -2.38
N GLY B 240 -8.16 9.97 -1.93
CA GLY B 240 -9.08 10.59 -2.88
C GLY B 240 -8.39 11.63 -3.76
N ILE B 241 -7.49 12.42 -3.18
CA ILE B 241 -6.84 13.50 -3.91
C ILE B 241 -5.63 13.04 -4.70
N ASP B 242 -5.25 11.78 -4.62
CA ASP B 242 -4.03 11.30 -5.25
C ASP B 242 -4.25 10.16 -6.23
N CYS B 243 -5.27 9.34 -6.03
CA CYS B 243 -5.50 8.22 -6.95
C CYS B 243 -5.92 8.71 -8.34
N SER B 244 -6.74 9.76 -8.39
CA SER B 244 -7.16 10.36 -9.64
C SER B 244 -6.53 11.75 -9.73
N PHE B 245 -5.31 11.80 -10.25
CA PHE B 245 -4.58 13.04 -10.47
C PHE B 245 -4.13 13.20 -11.91
N TRP B 246 -3.75 12.10 -12.56
CA TRP B 246 -3.25 12.14 -13.93
C TRP B 246 -4.39 11.80 -14.88
N ASN B 247 -5.21 12.81 -15.15
CA ASN B 247 -6.37 12.67 -16.02
C ASN B 247 -6.64 14.02 -16.69
N GLU B 248 -7.17 13.96 -17.91
CA GLU B 248 -7.45 15.20 -18.65
C GLU B 248 -8.67 15.94 -18.14
N SER B 249 -9.43 15.38 -17.19
CA SER B 249 -10.58 16.06 -16.64
C SER B 249 -10.20 17.32 -15.85
N TYR B 250 -8.95 17.41 -15.40
CA TYR B 250 -8.45 18.60 -14.73
C TYR B 250 -7.77 19.57 -15.69
N LEU B 251 -7.75 19.27 -16.98
CA LEU B 251 -7.12 20.11 -17.99
C LEU B 251 -8.18 20.72 -18.88
N THR B 252 -8.16 22.04 -19.02
CA THR B 252 -9.11 22.76 -19.83
C THR B 252 -8.63 22.84 -21.28
N GLY B 253 -9.42 23.47 -22.13
CA GLY B 253 -9.01 23.66 -23.51
C GLY B 253 -9.07 22.36 -24.30
N SER B 254 -8.32 22.37 -25.40
CA SER B 254 -8.23 21.20 -26.29
C SER B 254 -6.77 20.83 -26.49
N ARG B 255 -6.51 19.93 -27.43
CA ARG B 255 -5.14 19.45 -27.64
C ARG B 255 -4.28 20.50 -28.32
N ASP B 256 -4.67 20.92 -29.53
CA ASP B 256 -3.82 21.79 -30.34
C ASP B 256 -3.70 23.19 -29.73
N GLU B 257 -4.78 23.68 -29.11
CA GLU B 257 -4.72 24.98 -28.45
C GLU B 257 -3.76 24.98 -27.27
N ARG B 258 -3.79 23.92 -26.46
CA ARG B 258 -2.86 23.82 -25.34
C ARG B 258 -1.43 23.64 -25.83
N LYS B 259 -1.23 22.87 -26.90
CA LYS B 259 0.12 22.71 -27.45
C LYS B 259 0.66 24.03 -27.99
N LYS B 260 -0.19 24.81 -28.68
CA LYS B 260 0.22 26.10 -29.21
C LYS B 260 0.53 27.07 -28.09
N SER B 261 -0.27 27.08 -27.03
CA SER B 261 0.01 27.95 -25.89
C SER B 261 1.30 27.56 -25.19
N LEU B 262 1.56 26.26 -25.05
CA LEU B 262 2.80 25.80 -24.43
C LEU B 262 4.02 26.15 -25.28
N LEU B 263 3.93 25.98 -26.59
CA LEU B 263 5.06 26.28 -27.45
C LEU B 263 5.31 27.78 -27.58
N SER B 264 4.25 28.59 -27.55
CA SER B 264 4.42 30.03 -27.49
C SER B 264 5.00 30.45 -26.15
N LYS B 265 4.68 29.73 -25.07
CA LYS B 265 5.31 29.98 -23.79
C LYS B 265 6.80 29.69 -23.81
N PHE B 266 7.23 28.75 -24.66
CA PHE B 266 8.64 28.42 -24.82
C PHE B 266 9.29 29.15 -25.98
N GLY B 267 8.58 30.09 -26.60
CA GLY B 267 9.12 30.84 -27.73
C GLY B 267 9.37 30.01 -28.97
N MET B 268 8.44 29.14 -29.34
CA MET B 268 8.58 28.31 -30.53
C MET B 268 7.27 28.33 -31.31
N ASP B 269 7.37 27.95 -32.57
CA ASP B 269 6.19 27.78 -33.40
C ASP B 269 5.57 26.41 -33.16
N GLU B 270 4.45 26.13 -33.82
CA GLU B 270 3.84 24.82 -33.72
C GLU B 270 4.67 23.77 -34.44
N GLY B 271 4.42 22.52 -34.09
CA GLY B 271 5.14 21.41 -34.69
C GLY B 271 5.01 20.18 -33.82
N VAL B 272 5.58 19.09 -34.34
CA VAL B 272 5.55 17.83 -33.61
C VAL B 272 6.48 17.94 -32.40
N THR B 273 5.90 17.83 -31.22
CA THR B 273 6.61 18.06 -29.97
C THR B 273 7.02 16.75 -29.33
N PHE B 274 8.20 16.74 -28.72
CA PHE B 274 8.72 15.58 -28.01
C PHE B 274 9.19 16.02 -26.63
N MET B 275 9.06 15.12 -25.66
CA MET B 275 9.32 15.45 -24.27
C MET B 275 10.18 14.39 -23.61
N PHE B 276 11.04 14.83 -22.69
CA PHE B 276 11.79 13.94 -21.81
C PHE B 276 11.75 14.54 -20.41
N ILE B 277 11.45 13.73 -19.41
CA ILE B 277 11.54 14.14 -18.02
C ILE B 277 12.19 13.01 -17.22
N GLY B 278 13.15 13.36 -16.38
CA GLY B 278 13.86 12.35 -15.62
C GLY B 278 15.19 12.87 -15.13
N ARG B 279 15.92 11.98 -14.49
CA ARG B 279 17.20 12.33 -13.88
C ARG B 279 18.29 12.49 -14.95
N PHE B 280 19.22 13.40 -14.67
CA PHE B 280 20.38 13.63 -15.53
C PHE B 280 21.56 12.87 -14.95
N ASP B 281 21.72 11.62 -15.38
CA ASP B 281 22.85 10.81 -14.94
C ASP B 281 23.18 9.77 -16.01
N ARG B 282 24.36 9.18 -15.87
CA ARG B 282 24.81 8.13 -16.77
C ARG B 282 24.59 6.79 -16.10
N GLY B 283 23.77 5.94 -16.71
CA GLY B 283 23.54 4.61 -16.20
C GLY B 283 22.10 4.27 -15.91
N GLN B 284 21.36 5.23 -15.34
CA GLN B 284 19.96 4.98 -15.01
C GLN B 284 19.03 5.33 -16.16
N LYS B 285 19.03 6.59 -16.57
CA LYS B 285 18.19 7.07 -17.66
C LYS B 285 19.08 7.57 -18.78
N GLY B 286 18.71 7.24 -20.01
CA GLY B 286 19.52 7.59 -21.15
C GLY B 286 19.29 9.00 -21.65
N VAL B 287 19.57 10.00 -20.81
CA VAL B 287 19.52 11.37 -21.27
C VAL B 287 20.60 11.64 -22.30
N ASP B 288 21.77 11.00 -22.14
CA ASP B 288 22.83 11.13 -23.15
C ASP B 288 22.46 10.45 -24.46
N VAL B 289 21.67 9.38 -24.40
CA VAL B 289 21.15 8.76 -25.62
C VAL B 289 20.24 9.74 -26.36
N LEU B 290 19.39 10.45 -25.61
CA LEU B 290 18.52 11.44 -26.21
C LEU B 290 19.31 12.60 -26.80
N LEU B 291 20.36 13.04 -26.11
CA LEU B 291 21.18 14.13 -26.64
C LEU B 291 21.93 13.72 -27.90
N LYS B 292 22.44 12.49 -27.93
CA LYS B 292 23.06 11.98 -29.15
C LYS B 292 22.06 11.88 -30.30
N ALA B 293 20.84 11.45 -30.00
CA ALA B 293 19.80 11.38 -31.03
C ALA B 293 19.43 12.77 -31.54
N ILE B 294 19.38 13.76 -30.65
CA ILE B 294 19.10 15.13 -31.07
C ILE B 294 20.21 15.65 -31.96
N GLU B 295 21.46 15.36 -31.61
CA GLU B 295 22.58 15.75 -32.45
C GLU B 295 22.53 15.07 -33.82
N ILE B 296 22.11 13.82 -33.87
CA ILE B 296 22.01 13.11 -35.15
C ILE B 296 20.90 13.71 -36.01
N LEU B 297 19.73 13.96 -35.42
CA LEU B 297 18.63 14.57 -36.18
C LEU B 297 18.90 16.03 -36.53
N SER B 298 19.84 16.69 -35.85
CA SER B 298 20.17 18.07 -36.19
C SER B 298 20.81 18.19 -37.57
N SER B 299 21.39 17.11 -38.09
CA SER B 299 22.02 17.10 -39.39
C SER B 299 21.06 16.72 -40.51
N LYS B 300 19.79 16.50 -40.21
CA LYS B 300 18.81 16.03 -41.19
C LYS B 300 17.84 17.15 -41.54
N LYS B 301 17.04 16.90 -42.59
CA LYS B 301 16.18 17.90 -43.19
C LYS B 301 14.80 17.98 -42.55
N GLU B 302 14.54 17.17 -41.52
CA GLU B 302 13.24 17.17 -40.86
C GLU B 302 13.31 17.74 -39.45
N PHE B 303 14.44 18.33 -39.06
CA PHE B 303 14.61 18.87 -37.72
C PHE B 303 13.79 20.13 -37.47
N GLN B 304 13.28 20.77 -38.52
CA GLN B 304 12.43 21.95 -38.34
C GLN B 304 11.03 21.59 -37.86
N GLU B 305 10.62 20.34 -38.00
CA GLU B 305 9.31 19.87 -37.57
C GLU B 305 9.39 19.02 -36.31
N MET B 306 10.40 19.23 -35.48
CA MET B 306 10.66 18.40 -34.31
C MET B 306 11.09 19.30 -33.16
N ARG B 307 10.15 19.70 -32.32
CA ARG B 307 10.49 20.46 -31.12
C ARG B 307 10.78 19.50 -29.97
N PHE B 308 11.66 19.92 -29.07
CA PHE B 308 12.12 19.07 -27.97
C PHE B 308 12.08 19.83 -26.66
N ILE B 309 11.54 19.20 -25.62
CA ILE B 309 11.57 19.70 -24.26
C ILE B 309 12.27 18.66 -23.40
N ILE B 310 13.26 19.10 -22.61
CA ILE B 310 14.03 18.20 -21.77
C ILE B 310 14.06 18.78 -20.36
N ILE B 311 13.55 18.02 -19.39
CA ILE B 311 13.44 18.46 -18.01
C ILE B 311 14.28 17.52 -17.14
N GLY B 312 15.08 18.11 -16.27
CA GLY B 312 15.87 17.31 -15.35
C GLY B 312 17.08 18.06 -14.86
N LYS B 313 17.73 17.46 -13.86
CA LYS B 313 18.95 18.00 -13.28
C LYS B 313 19.82 16.86 -12.80
N GLY B 314 21.12 17.13 -12.67
CA GLY B 314 22.05 16.10 -12.27
C GLY B 314 23.51 16.50 -12.39
N ASP B 315 24.31 15.67 -13.05
CA ASP B 315 25.74 15.93 -13.17
C ASP B 315 25.98 17.13 -14.08
N PRO B 316 27.01 17.93 -13.80
CA PRO B 316 27.22 19.17 -14.57
C PRO B 316 27.61 18.95 -16.02
N GLU B 317 28.19 17.80 -16.38
CA GLU B 317 28.62 17.60 -17.76
C GLU B 317 27.42 17.38 -18.69
N LEU B 318 26.48 16.55 -18.28
CA LEU B 318 25.27 16.34 -19.07
C LEU B 318 24.40 17.58 -19.08
N GLU B 319 24.35 18.31 -17.97
CA GLU B 319 23.67 19.60 -17.94
C GLU B 319 24.29 20.57 -18.92
N GLY B 320 25.63 20.61 -18.98
CA GLY B 320 26.30 21.49 -19.91
C GLY B 320 26.07 21.12 -21.36
N TRP B 321 26.05 19.81 -21.65
CA TRP B 321 25.73 19.35 -23.01
C TRP B 321 24.31 19.73 -23.40
N ALA B 322 23.35 19.56 -22.47
CA ALA B 322 21.97 19.95 -22.76
C ALA B 322 21.85 21.46 -22.96
N ARG B 323 22.57 22.25 -22.17
CA ARG B 323 22.52 23.70 -22.34
C ARG B 323 23.18 24.13 -23.64
N SER B 324 24.24 23.43 -24.05
CA SER B 324 24.90 23.74 -25.32
C SER B 324 23.99 23.44 -26.50
N LEU B 325 23.25 22.33 -26.44
CA LEU B 325 22.25 22.09 -27.49
C LEU B 325 21.08 23.05 -27.38
N GLU B 326 20.79 23.56 -26.19
CA GLU B 326 19.73 24.56 -26.04
C GLU B 326 20.12 25.88 -26.70
N GLU B 327 21.40 26.26 -26.60
CA GLU B 327 21.83 27.51 -27.21
C GLU B 327 22.22 27.33 -28.69
N LYS B 328 22.53 26.12 -29.11
CA LYS B 328 22.87 25.89 -30.51
C LYS B 328 21.65 25.91 -31.41
N HIS B 329 20.56 25.29 -30.99
CA HIS B 329 19.32 25.23 -31.75
C HIS B 329 18.23 25.98 -31.01
N GLY B 330 17.36 26.66 -31.76
CA GLY B 330 16.27 27.37 -31.13
C GLY B 330 15.06 26.54 -30.80
N ASN B 331 14.99 25.31 -31.30
CA ASN B 331 13.82 24.46 -31.11
C ASN B 331 14.02 23.40 -30.03
N VAL B 332 15.07 23.51 -29.23
CA VAL B 332 15.33 22.60 -28.12
C VAL B 332 15.33 23.42 -26.84
N LYS B 333 14.45 23.07 -25.91
CA LYS B 333 14.32 23.76 -24.64
C LYS B 333 14.72 22.83 -23.51
N VAL B 334 15.54 23.32 -22.59
CA VAL B 334 16.04 22.54 -21.47
C VAL B 334 15.69 23.27 -20.18
N ILE B 335 14.96 22.59 -19.29
CA ILE B 335 14.58 23.12 -18.00
C ILE B 335 15.32 22.33 -16.92
N THR B 336 15.88 23.03 -15.95
CA THR B 336 16.66 22.42 -14.88
C THR B 336 15.98 22.54 -13.52
N GLU B 337 15.25 23.63 -13.28
CA GLU B 337 14.66 23.88 -11.99
C GLU B 337 13.57 22.87 -11.65
N MET B 338 13.30 22.75 -10.35
CA MET B 338 12.29 21.82 -9.87
C MET B 338 10.89 22.29 -10.27
N LEU B 339 10.07 21.36 -10.71
CA LEU B 339 8.75 21.67 -11.24
C LEU B 339 7.66 21.10 -10.35
N SER B 340 6.48 21.71 -10.45
CA SER B 340 5.31 21.24 -9.73
C SER B 340 4.65 20.09 -10.50
N ARG B 341 3.90 19.28 -9.76
CA ARG B 341 3.26 18.10 -10.33
C ARG B 341 2.19 18.48 -11.35
N GLU B 342 1.44 19.54 -11.07
CA GLU B 342 0.39 19.98 -12.00
C GLU B 342 0.98 20.54 -13.29
N PHE B 343 2.17 21.14 -13.20
CA PHE B 343 2.85 21.58 -14.41
C PHE B 343 3.24 20.41 -15.31
N VAL B 344 3.70 19.31 -14.70
CA VAL B 344 4.01 18.11 -15.49
C VAL B 344 2.73 17.49 -16.05
N ARG B 345 1.63 17.56 -15.29
CA ARG B 345 0.35 17.09 -15.82
C ARG B 345 -0.08 17.90 -17.04
N GLU B 346 0.12 19.22 -16.98
CA GLU B 346 -0.17 20.07 -18.13
C GLU B 346 0.74 19.73 -19.30
N LEU B 347 2.01 19.43 -19.03
CA LEU B 347 2.96 19.12 -20.09
C LEU B 347 2.63 17.80 -20.77
N TYR B 348 2.16 16.80 -20.02
CA TYR B 348 1.90 15.48 -20.60
C TYR B 348 0.75 15.51 -21.58
N GLY B 349 -0.30 16.27 -21.29
CA GLY B 349 -1.45 16.38 -22.15
C GLY B 349 -1.34 17.41 -23.24
N SER B 350 -0.20 18.11 -23.33
CA SER B 350 0.04 19.10 -24.37
C SER B 350 0.94 18.59 -25.49
N VAL B 351 2.00 17.86 -25.14
CA VAL B 351 2.97 17.40 -26.12
C VAL B 351 2.39 16.22 -26.88
N ASP B 352 3.03 15.85 -27.99
CA ASP B 352 2.56 14.74 -28.80
C ASP B 352 3.20 13.42 -28.40
N PHE B 353 4.50 13.42 -28.12
CA PHE B 353 5.22 12.19 -27.82
C PHE B 353 6.10 12.41 -26.59
N VAL B 354 6.38 11.31 -25.89
CA VAL B 354 7.27 11.31 -24.73
C VAL B 354 8.31 10.22 -24.93
N ILE B 355 9.57 10.58 -24.76
CA ILE B 355 10.69 9.65 -24.94
C ILE B 355 11.19 9.22 -23.58
N ILE B 356 11.24 7.91 -23.36
CA ILE B 356 11.75 7.33 -22.12
C ILE B 356 12.88 6.37 -22.47
N PRO B 357 14.08 6.86 -22.80
CA PRO B 357 15.16 5.98 -23.24
C PRO B 357 16.03 5.48 -22.09
N SER B 358 15.39 4.98 -21.04
CA SER B 358 16.12 4.62 -19.84
C SER B 358 16.80 3.26 -20.02
N TYR B 359 17.79 3.01 -19.17
CA TYR B 359 18.43 1.70 -19.10
C TYR B 359 17.75 0.79 -18.08
N PHE B 360 17.48 1.32 -16.89
CA PHE B 360 16.90 0.56 -15.80
C PHE B 360 15.63 1.28 -15.33
N GLU B 361 14.48 0.73 -15.70
CA GLU B 361 13.19 1.26 -15.28
C GLU B 361 12.44 0.16 -14.53
N PRO B 362 12.47 0.15 -13.20
CA PRO B 362 11.84 -0.95 -12.46
C PRO B 362 10.32 -0.85 -12.43
N PHE B 363 9.79 0.36 -12.51
CA PHE B 363 8.35 0.57 -12.36
C PHE B 363 7.71 1.24 -13.56
N GLY B 364 8.37 2.22 -14.16
CA GLY B 364 7.78 2.95 -15.28
C GLY B 364 6.59 3.80 -14.90
N LEU B 365 6.67 4.51 -13.77
CA LEU B 365 5.60 5.41 -13.38
C LEU B 365 5.50 6.59 -14.34
N VAL B 366 6.62 6.99 -14.93
CA VAL B 366 6.62 8.08 -15.90
C VAL B 366 5.82 7.69 -17.14
N ALA B 367 5.88 6.43 -17.54
CA ALA B 367 5.09 5.96 -18.67
C ALA B 367 3.61 5.95 -18.34
N LEU B 368 3.26 5.54 -17.11
CA LEU B 368 1.86 5.56 -16.69
C LEU B 368 1.30 6.98 -16.67
N GLU B 369 2.05 7.92 -16.10
CA GLU B 369 1.59 9.30 -16.06
C GLU B 369 1.50 9.92 -17.44
N ALA B 370 2.41 9.56 -18.34
CA ALA B 370 2.33 10.07 -19.71
C ALA B 370 1.13 9.50 -20.45
N MET B 371 0.95 8.18 -20.39
CA MET B 371 -0.12 7.53 -21.13
C MET B 371 -1.51 7.83 -20.58
N CYS B 372 -1.64 8.13 -19.29
CA CYS B 372 -2.94 8.46 -18.74
C CYS B 372 -3.47 9.78 -19.29
N LEU B 373 -2.58 10.69 -19.66
CA LEU B 373 -2.95 12.00 -20.16
C LEU B 373 -2.91 12.08 -21.68
N GLY B 374 -2.77 10.96 -22.36
CA GLY B 374 -2.76 10.93 -23.81
C GLY B 374 -1.48 11.47 -24.40
N ALA B 375 -0.37 10.77 -24.17
CA ALA B 375 0.92 11.13 -24.74
C ALA B 375 1.59 9.85 -25.20
N ILE B 376 1.76 9.71 -26.51
CA ILE B 376 2.23 8.46 -27.11
C ILE B 376 3.71 8.26 -26.77
N PRO B 377 4.07 7.16 -26.10
CA PRO B 377 5.45 6.98 -25.68
C PRO B 377 6.31 6.32 -26.74
N ILE B 378 7.55 6.79 -26.84
CA ILE B 378 8.60 6.16 -27.63
C ILE B 378 9.68 5.78 -26.63
N ALA B 379 9.60 4.57 -26.09
CA ALA B 379 10.37 4.22 -24.91
C ALA B 379 11.29 3.04 -25.18
N SER B 380 12.18 2.79 -24.23
CA SER B 380 13.10 1.67 -24.29
C SER B 380 12.44 0.43 -23.68
N ALA B 381 12.63 -0.71 -24.35
CA ALA B 381 12.03 -1.97 -23.90
C ALA B 381 12.92 -2.62 -22.84
N VAL B 382 12.90 -2.03 -21.65
CA VAL B 382 13.65 -2.52 -20.51
C VAL B 382 12.77 -2.48 -19.27
N GLY B 383 12.98 -3.46 -18.38
CA GLY B 383 12.37 -3.44 -17.06
C GLY B 383 10.85 -3.48 -17.10
N GLY B 384 10.23 -2.58 -16.36
CA GLY B 384 8.79 -2.47 -16.33
C GLY B 384 8.18 -1.79 -17.53
N LEU B 385 9.00 -1.27 -18.44
CA LEU B 385 8.49 -0.67 -19.67
C LEU B 385 8.17 -1.71 -20.73
N ARG B 386 8.62 -2.94 -20.56
CA ARG B 386 8.35 -3.98 -21.55
C ARG B 386 6.88 -4.37 -21.58
N ASP B 387 6.28 -4.53 -20.40
CA ASP B 387 4.94 -5.12 -20.27
C ASP B 387 3.86 -4.07 -20.04
N ILE B 388 4.14 -2.80 -20.32
CA ILE B 388 3.14 -1.76 -20.23
C ILE B 388 2.78 -1.18 -21.60
N ILE B 389 3.73 -1.05 -22.52
CA ILE B 389 3.49 -0.52 -23.85
C ILE B 389 3.40 -1.69 -24.81
N THR B 390 2.28 -1.78 -25.51
CA THR B 390 2.08 -2.82 -26.51
C THR B 390 2.49 -2.28 -27.87
N ASN B 391 2.23 -3.06 -28.93
CA ASN B 391 2.58 -2.62 -30.27
C ASN B 391 1.63 -1.57 -30.83
N GLU B 392 0.50 -1.33 -30.17
CA GLU B 392 -0.46 -0.33 -30.60
C GLU B 392 -0.61 0.80 -29.58
N THR B 393 0.24 0.84 -28.56
CA THR B 393 0.19 1.88 -27.54
C THR B 393 1.50 2.66 -27.46
N GLY B 394 2.31 2.64 -28.50
CA GLY B 394 3.55 3.37 -28.52
C GLY B 394 4.58 2.65 -29.36
N ILE B 395 5.81 3.13 -29.27
CA ILE B 395 6.94 2.61 -30.03
C ILE B 395 8.03 2.17 -29.06
N LEU B 396 8.64 1.02 -29.35
CA LEU B 396 9.68 0.46 -28.50
C LEU B 396 11.01 0.50 -29.24
N VAL B 397 12.08 0.83 -28.51
CA VAL B 397 13.42 0.92 -29.06
C VAL B 397 14.33 -0.01 -28.27
N LYS B 398 15.56 -0.16 -28.76
CA LYS B 398 16.59 -0.86 -28.02
C LYS B 398 17.24 0.07 -27.01
N ALA B 399 17.78 -0.52 -25.95
CA ALA B 399 18.37 0.26 -24.87
C ALA B 399 19.72 0.83 -25.30
N GLY B 400 19.91 2.13 -25.09
CA GLY B 400 21.17 2.78 -25.39
C GLY B 400 21.56 2.79 -26.85
N ASP B 401 20.59 3.00 -27.75
CA ASP B 401 20.83 2.99 -29.19
C ASP B 401 20.38 4.33 -29.78
N PRO B 402 21.30 5.29 -29.95
CA PRO B 402 20.92 6.55 -30.61
C PRO B 402 20.45 6.39 -32.04
N GLY B 403 20.99 5.42 -32.79
CA GLY B 403 20.50 5.17 -34.13
C GLY B 403 19.08 4.64 -34.16
N GLU B 404 18.78 3.68 -33.29
CA GLU B 404 17.43 3.12 -33.23
C GLU B 404 16.44 4.15 -32.70
N LEU B 405 16.88 4.99 -31.75
CA LEU B 405 16.04 6.09 -31.30
C LEU B 405 15.78 7.09 -32.41
N ALA B 406 16.79 7.35 -33.24
CA ALA B 406 16.61 8.22 -34.40
C ALA B 406 15.62 7.65 -35.39
N ASN B 407 15.72 6.34 -35.67
CA ASN B 407 14.80 5.70 -36.60
C ASN B 407 13.37 5.72 -36.05
N ALA B 408 13.21 5.44 -34.76
CA ALA B 408 11.88 5.48 -34.16
C ALA B 408 11.31 6.89 -34.12
N ILE B 409 12.15 7.89 -33.89
CA ILE B 409 11.64 9.26 -33.81
C ILE B 409 11.29 9.78 -35.21
N LEU B 410 11.99 9.37 -36.26
CA LEU B 410 11.56 9.77 -37.60
C LEU B 410 10.33 8.99 -38.04
N LYS B 411 10.20 7.73 -37.60
CA LYS B 411 8.98 6.98 -37.85
C LYS B 411 7.78 7.62 -37.15
N ALA B 412 7.98 8.10 -35.93
CA ALA B 412 6.92 8.80 -35.21
C ALA B 412 6.58 10.12 -35.87
N LEU B 413 7.59 10.81 -36.42
CA LEU B 413 7.34 12.03 -37.18
C LEU B 413 6.50 11.75 -38.42
N GLU B 414 6.80 10.66 -39.12
CA GLU B 414 5.98 10.26 -40.27
C GLU B 414 4.56 9.88 -39.83
N LEU B 415 4.43 9.18 -38.72
CA LEU B 415 3.13 8.75 -38.22
C LEU B 415 2.27 9.93 -37.77
N SER B 416 2.90 10.99 -37.27
CA SER B 416 2.16 12.15 -36.79
C SER B 416 1.52 12.97 -37.90
N ARG B 417 1.84 12.68 -39.17
CA ARG B 417 1.20 13.41 -40.27
C ARG B 417 -0.27 13.05 -40.41
N SER B 418 -0.64 11.81 -40.10
CA SER B 418 -2.05 11.40 -40.12
C SER B 418 -2.70 11.77 -38.79
N ASP B 419 -3.91 11.28 -38.56
CA ASP B 419 -4.54 11.50 -37.26
C ASP B 419 -3.90 10.60 -36.21
N LEU B 420 -4.03 11.03 -34.95
CA LEU B 420 -3.41 10.32 -33.85
C LEU B 420 -4.37 9.99 -32.71
N SER B 421 -5.67 10.30 -32.86
CA SER B 421 -6.59 10.13 -31.75
C SER B 421 -6.82 8.66 -31.40
N LYS B 422 -6.67 7.77 -32.37
CA LYS B 422 -6.78 6.34 -32.08
C LYS B 422 -5.68 5.89 -31.13
N PHE B 423 -4.44 6.34 -31.35
CA PHE B 423 -3.36 6.02 -30.44
C PHE B 423 -3.57 6.65 -29.07
N ARG B 424 -4.11 7.87 -29.01
CA ARG B 424 -4.37 8.50 -27.72
C ARG B 424 -5.42 7.74 -26.92
N GLU B 425 -6.51 7.32 -27.58
CA GLU B 425 -7.53 6.57 -26.85
C GLU B 425 -7.04 5.18 -26.49
N ASN B 426 -6.19 4.57 -27.31
CA ASN B 426 -5.63 3.27 -26.95
C ASN B 426 -4.68 3.37 -25.77
N CYS B 427 -3.86 4.42 -25.73
CA CYS B 427 -2.97 4.62 -24.58
C CYS B 427 -3.75 4.94 -23.32
N LYS B 428 -4.82 5.73 -23.43
CA LYS B 428 -5.65 6.01 -22.27
C LYS B 428 -6.33 4.75 -21.74
N LYS B 429 -6.82 3.90 -22.65
CA LYS B 429 -7.45 2.64 -22.24
C LYS B 429 -6.43 1.69 -21.62
N ARG B 430 -5.19 1.70 -22.13
CA ARG B 430 -4.16 0.84 -21.56
C ARG B 430 -3.71 1.32 -20.18
N ALA B 431 -3.50 2.62 -20.03
CA ALA B 431 -2.98 3.14 -18.76
C ALA B 431 -4.05 3.21 -17.68
N MET B 432 -5.31 3.42 -18.05
CA MET B 432 -6.35 3.42 -17.04
C MET B 432 -6.60 2.02 -16.50
N SER B 433 -6.23 0.99 -17.25
CA SER B 433 -6.36 -0.39 -16.83
C SER B 433 -5.32 -0.82 -15.80
N PHE B 434 -4.31 0.02 -15.54
CA PHE B 434 -3.31 -0.27 -14.51
C PHE B 434 -3.69 0.27 -13.14
N SER B 435 -4.76 1.04 -13.04
CA SER B 435 -5.23 1.56 -11.77
C SER B 435 -6.42 0.79 -11.22
N ASP B 436 -6.71 -0.39 -11.78
CA ASP B 436 -7.87 -1.16 -11.33
C ASP B 436 -7.66 -1.74 -9.93
N GLN B 437 -6.44 -2.14 -9.61
CA GLN B 437 -6.14 -2.65 -8.27
C GLN B 437 -6.31 -1.56 -7.21
N ALA B 438 -5.91 -0.33 -7.54
CA ALA B 438 -6.05 0.78 -6.60
C ALA B 438 -7.52 1.07 -6.32
N ARG B 439 -8.37 1.00 -7.34
CA ARG B 439 -9.79 1.26 -7.14
C ARG B 439 -10.44 0.19 -6.27
N MET B 440 -10.03 -1.07 -6.46
CA MET B 440 -10.53 -2.13 -5.57
C MET B 440 -10.02 -1.96 -4.15
N ASP B 441 -8.81 -1.44 -3.97
CA ASP B 441 -8.33 -1.14 -2.63
C ASP B 441 -9.15 -0.02 -1.98
N ILE B 442 -9.52 0.99 -2.76
CA ILE B 442 -10.38 2.06 -2.24
C ILE B 442 -11.75 1.51 -1.86
N GLU B 443 -12.29 0.59 -2.69
CA GLU B 443 -13.58 -0.01 -2.37
C GLU B 443 -13.51 -0.86 -1.11
N LEU B 444 -12.43 -1.59 -0.92
CA LEU B 444 -12.25 -2.35 0.31
C LEU B 444 -12.15 -1.43 1.53
N ALA B 445 -11.43 -0.31 1.39
CA ALA B 445 -11.34 0.65 2.48
C ALA B 445 -12.71 1.25 2.81
N LYS B 446 -13.53 1.50 1.78
CA LYS B 446 -14.89 1.97 2.01
C LYS B 446 -15.72 0.94 2.75
N THR B 447 -15.57 -0.34 2.37
CA THR B 447 -16.26 -1.42 3.08
C THR B 447 -15.84 -1.48 4.54
N LEU B 448 -14.56 -1.25 4.81
CA LEU B 448 -14.05 -1.32 6.18
C LEU B 448 -14.56 -0.15 7.01
N VAL B 449 -14.67 1.02 6.39
CA VAL B 449 -15.27 2.17 7.06
C VAL B 449 -16.74 1.89 7.38
N LEU B 450 -17.44 1.23 6.45
CA LEU B 450 -18.83 0.85 6.70
C LEU B 450 -18.95 -0.12 7.87
N ILE B 451 -18.07 -1.12 7.93
CA ILE B 451 -18.07 -2.08 9.04
C ILE B 451 -17.78 -1.37 10.36
N LEU B 452 -16.81 -0.46 10.35
CA LEU B 452 -16.46 0.30 11.54
C LEU B 452 -17.62 1.15 12.04
N VAL B 453 -18.34 1.82 11.12
CA VAL B 453 -19.41 2.68 11.61
C VAL B 453 -20.64 1.87 12.04
N VAL B 454 -20.88 0.70 11.43
CA VAL B 454 -21.93 -0.17 11.95
C VAL B 454 -21.58 -0.66 13.36
N LEU B 455 -20.32 -1.03 13.58
CA LEU B 455 -19.88 -1.43 14.91
C LEU B 455 -20.00 -0.29 15.91
N ILE B 456 -19.68 0.94 15.47
CA ILE B 456 -19.80 2.11 16.33
C ILE B 456 -21.25 2.35 16.72
N ILE B 457 -22.16 2.25 15.74
CA ILE B 457 -23.59 2.45 16.00
C ILE B 457 -24.12 1.39 16.96
N CYS B 458 -23.68 0.14 16.79
CA CYS B 458 -24.19 -0.94 17.62
C CYS B 458 -23.67 -0.86 19.05
N TRP B 459 -22.39 -0.57 19.24
CA TRP B 459 -21.81 -0.60 20.58
C TRP B 459 -21.69 0.77 21.22
N GLY B 460 -22.21 1.83 20.59
CA GLY B 460 -22.15 3.16 21.16
C GLY B 460 -22.88 3.37 22.47
N PRO B 461 -24.21 3.24 22.45
CA PRO B 461 -24.99 3.47 23.69
C PRO B 461 -24.62 2.54 24.82
N LEU B 462 -24.21 1.30 24.53
CA LEU B 462 -23.85 0.35 25.58
C LEU B 462 -22.64 0.84 26.37
N LEU B 463 -21.57 1.17 25.65
CA LEU B 463 -20.38 1.73 26.29
C LEU B 463 -20.68 3.08 26.91
N ALA B 464 -21.67 3.81 26.38
CA ALA B 464 -22.10 5.04 27.04
C ALA B 464 -22.74 4.75 28.39
N ILE B 465 -23.49 3.65 28.50
CA ILE B 465 -24.04 3.26 29.80
C ILE B 465 -22.93 2.89 30.77
N MET B 466 -21.88 2.20 30.29
CA MET B 466 -20.74 1.99 31.20
C MET B 466 -20.04 3.30 31.57
N VAL B 467 -19.98 4.26 30.65
CA VAL B 467 -19.43 5.58 30.98
C VAL B 467 -20.22 6.23 32.10
N TYR B 468 -21.55 6.23 31.98
CA TYR B 468 -22.38 6.87 33.00
C TYR B 468 -22.37 6.08 34.30
N ASP B 469 -22.12 4.77 34.23
CA ASP B 469 -21.85 3.98 35.43
C ASP B 469 -20.58 4.45 36.12
N VAL B 470 -19.54 4.76 35.34
CA VAL B 470 -18.29 5.20 35.94
C VAL B 470 -18.47 6.55 36.64
N PHE B 471 -19.18 7.47 36.01
CA PHE B 471 -19.40 8.81 36.57
C PHE B 471 -20.85 8.89 37.05
N GLY B 472 -21.07 8.52 38.31
CA GLY B 472 -22.37 8.63 38.92
C GLY B 472 -23.11 7.30 38.95
N LYS B 473 -24.11 7.23 39.83
CA LYS B 473 -24.95 6.05 39.95
C LYS B 473 -26.11 6.15 38.95
N MET B 474 -27.04 5.20 39.03
CA MET B 474 -28.19 5.20 38.15
C MET B 474 -29.39 4.60 38.88
N ASN B 475 -30.55 4.72 38.25
CA ASN B 475 -31.76 4.07 38.73
C ASN B 475 -32.01 2.80 37.93
N LYS B 476 -33.15 2.16 38.18
CA LYS B 476 -33.47 0.91 37.49
C LYS B 476 -33.85 1.13 36.03
N LEU B 477 -34.24 2.34 35.64
CA LEU B 477 -34.57 2.60 34.25
C LEU B 477 -33.33 2.55 33.36
N ILE B 478 -32.20 3.04 33.86
CA ILE B 478 -30.97 2.98 33.09
C ILE B 478 -30.47 1.54 32.98
N LYS B 479 -30.65 0.74 34.04
CA LYS B 479 -30.38 -0.69 33.92
C LYS B 479 -31.33 -1.37 32.94
N THR B 480 -32.58 -0.91 32.88
CA THR B 480 -33.53 -1.47 31.93
C THR B 480 -33.12 -1.18 30.49
N VAL B 481 -32.70 0.06 30.21
CA VAL B 481 -32.30 0.38 28.85
C VAL B 481 -30.94 -0.24 28.54
N PHE B 482 -30.12 -0.48 29.57
CA PHE B 482 -28.92 -1.30 29.42
C PHE B 482 -29.25 -2.69 28.92
N ALA B 483 -30.20 -3.36 29.58
CA ALA B 483 -30.61 -4.69 29.17
C ALA B 483 -31.29 -4.67 27.80
N PHE B 484 -32.00 -3.58 27.48
CA PHE B 484 -32.69 -3.51 26.20
C PHE B 484 -31.72 -3.30 25.04
N CYS B 485 -30.75 -2.39 25.19
CA CYS B 485 -29.80 -2.09 24.13
C CYS B 485 -28.61 -3.03 24.12
N SER B 486 -28.50 -3.94 25.09
CA SER B 486 -27.44 -4.94 25.04
C SER B 486 -27.65 -5.99 23.96
N MET B 487 -28.82 -6.04 23.33
CA MET B 487 -29.04 -6.91 22.18
C MET B 487 -28.46 -6.36 20.89
N LEU B 488 -28.00 -5.09 20.90
CA LEU B 488 -27.34 -4.53 19.74
C LEU B 488 -26.03 -5.23 19.41
N CYS B 489 -25.41 -5.88 20.40
CA CYS B 489 -24.21 -6.68 20.13
C CYS B 489 -24.54 -7.86 19.23
N LEU B 490 -25.59 -8.60 19.59
CA LEU B 490 -26.04 -9.71 18.76
C LEU B 490 -26.54 -9.22 17.42
N LEU B 491 -27.13 -8.02 17.38
CA LEU B 491 -27.55 -7.45 16.11
C LEU B 491 -26.35 -7.11 15.22
N ASN B 492 -25.26 -6.63 15.82
CA ASN B 492 -24.02 -6.39 15.08
C ASN B 492 -23.46 -7.69 14.51
N SER B 493 -23.47 -8.75 15.33
CA SER B 493 -23.06 -10.06 14.85
C SER B 493 -23.98 -10.56 13.74
N THR B 494 -25.25 -10.18 13.77
CA THR B 494 -26.17 -10.54 12.69
C THR B 494 -25.80 -9.81 11.40
N VAL B 495 -25.56 -8.51 11.48
CA VAL B 495 -25.45 -7.69 10.27
C VAL B 495 -24.06 -7.67 9.66
N ASN B 496 -23.03 -8.14 10.37
CA ASN B 496 -21.70 -8.19 9.75
C ASN B 496 -21.60 -9.14 8.55
N PRO B 497 -22.08 -10.40 8.60
CA PRO B 497 -22.01 -11.23 7.37
C PRO B 497 -22.85 -10.72 6.23
N ILE B 498 -23.92 -9.98 6.50
CA ILE B 498 -24.70 -9.37 5.43
C ILE B 498 -23.85 -8.34 4.68
N ILE B 499 -23.10 -7.53 5.42
CA ILE B 499 -22.19 -6.56 4.80
C ILE B 499 -21.10 -7.28 4.01
N TYR B 500 -20.57 -8.38 4.57
CA TYR B 500 -19.53 -9.13 3.88
C TYR B 500 -20.04 -9.71 2.56
N ALA B 501 -21.27 -10.22 2.56
CA ALA B 501 -21.84 -10.81 1.35
C ALA B 501 -22.25 -9.74 0.34
N LEU B 502 -22.67 -8.56 0.82
CA LEU B 502 -23.11 -7.52 -0.08
C LEU B 502 -21.95 -6.81 -0.75
N ARG B 503 -20.84 -6.61 -0.04
CA ARG B 503 -19.77 -5.79 -0.59
C ARG B 503 -18.77 -6.59 -1.42
N SER B 504 -18.29 -7.71 -0.89
CA SER B 504 -17.17 -8.42 -1.50
C SER B 504 -17.65 -9.27 -2.67
N LYS B 505 -17.14 -8.97 -3.87
CA LYS B 505 -17.47 -9.78 -5.05
C LYS B 505 -16.80 -11.14 -4.98
N ASP B 506 -15.56 -11.19 -4.48
CA ASP B 506 -14.84 -12.46 -4.40
C ASP B 506 -15.49 -13.40 -3.40
N LEU B 507 -15.92 -12.88 -2.25
CA LEU B 507 -16.63 -13.71 -1.27
C LEU B 507 -17.96 -14.19 -1.82
N ARG B 508 -18.66 -13.32 -2.56
CA ARG B 508 -19.92 -13.72 -3.18
C ARG B 508 -19.71 -14.84 -4.20
N HIS B 509 -18.64 -14.74 -5.00
CA HIS B 509 -18.36 -15.76 -5.99
C HIS B 509 -17.92 -17.07 -5.32
N ALA B 510 -17.20 -16.98 -4.20
CA ALA B 510 -16.84 -18.19 -3.46
C ALA B 510 -18.06 -18.85 -2.86
N PHE B 511 -19.01 -18.06 -2.36
CA PHE B 511 -20.24 -18.63 -1.82
C PHE B 511 -21.09 -19.25 -2.92
N ARG B 512 -21.10 -18.64 -4.11
CA ARG B 512 -21.81 -19.23 -5.24
C ARG B 512 -21.08 -20.42 -5.84
N SER B 513 -19.84 -20.67 -5.43
CA SER B 513 -19.10 -21.82 -5.94
C SER B 513 -19.43 -23.12 -5.21
N MET B 514 -20.07 -23.03 -4.04
CA MET B 514 -20.37 -24.25 -3.29
C MET B 514 -21.56 -25.00 -3.88
N PHE B 515 -22.56 -24.28 -4.39
CA PHE B 515 -23.71 -24.93 -4.98
C PHE B 515 -23.57 -25.00 -6.50
N3 A1AKO C . -29.36 -9.58 28.33
C4 A1AKO C . -28.13 -9.31 28.79
C7 A1AKO C . -25.05 -8.46 27.47
C8 A1AKO C . -23.79 -7.74 27.68
C10 A1AKO C . -21.96 -6.44 26.82
C13 A1AKO C . -22.00 -7.03 29.14
C15 A1AKO C . -25.61 -8.85 26.13
C17 A1AKO C . -24.47 -11.08 26.30
C20 A1AKO C . -23.74 -11.02 23.64
C21 A1AKO C . -24.47 -9.97 24.18
C22 A1AKO C . -27.06 -9.23 26.52
C24 A1AKO C . -27.87 -8.15 30.82
C26 A1AKO C . -27.57 -8.17 32.27
C28 A1AKO C . -32.08 -10.70 27.14
C11 A1AKO C . -21.40 -6.41 28.08
C14 A1AKO C . -23.20 -7.69 28.95
C16 A1AKO C . -24.85 -10.01 25.52
C18 A1AKO C . -23.73 -12.12 25.75
C19 A1AKO C . -23.36 -12.08 24.42
C27 A1AKO C . -31.89 -9.67 28.04
C29 A1AKO C . -33.01 -10.53 26.11
C30 A1AKO C . -33.74 -9.36 25.99
C31 A1AKO C . -34.71 -9.18 24.88
C35 A1AKO C . -33.53 -8.34 26.91
C36 A1AKO C . -32.61 -8.49 27.94
C9 A1AKO C . -23.15 -7.10 26.63
F32 A1AKO C . -34.36 -8.18 24.06
F33 A1AKO C . -35.94 -8.88 25.30
F34 A1AKO C . -34.82 -10.26 24.11
N23 A1AKO C . -27.86 -9.26 30.13
N25 A1AKO C . -28.17 -6.96 30.29
N5 A1AKO C . -27.04 -9.11 27.98
N6 A1AKO C . -25.81 -8.80 28.47
O1 A1AKO C . -30.63 -11.17 29.74
O37 A1AKO C . -30.84 -8.77 30.23
S2 A1AKO C . -30.63 -9.81 29.26
CL1 A1AKO C . -19.89 -5.57 28.32
#